data_1UAS
#
_entry.id   1UAS
#
_cell.length_a   63.656
_cell.length_b   71.420
_cell.length_c   86.238
_cell.angle_alpha   90.00
_cell.angle_beta   90.00
_cell.angle_gamma   90.00
#
_symmetry.space_group_name_H-M   'P 21 21 21'
#
loop_
_entity.id
_entity.type
_entity.pdbx_description
1 polymer alpha-galactosidase
2 non-polymer alpha-D-galactopyranose
3 non-polymer 'SULFATE ION'
4 non-polymer 'PLATINUM (II) ION'
5 non-polymer GLYCEROL
6 water water
#
_entity_poly.entity_id   1
_entity_poly.type   'polypeptide(L)'
_entity_poly.pdbx_seq_one_letter_code
;FENGLGRTPQMGWNSWNHFYCGINEQIIRETADALVNTGLAKLGYQYVNIDDCWAEYSRDSQGNFVPNRQTFPSGIKALA
DYVHAKGLKLGIYSDAGSQTCSNKMPGSLDHEEQDVKTFASWGVDYLKYDNCNDAGRSVMERYTRMSNAMKTYGKNIFFS
LCEWGKENPATWAGRMGNSWRTTGDIADNWGSMTSRADENDQWAAYAGPGGWNDPDMLEVGNGGMSEAEYRSHFSIWALA
KAPLLIGCDVRSMSQQTKNILSNSEVIAVNQDSLGVQGKKVQSDNGLEVWAGPLSNNRKAVVLWNRQSYQATITAHWSNI
GLAGSVAVTARDLWAHSSFAAQGQISASVAPHDCKMYVLTPN
;
_entity_poly.pdbx_strand_id   A
#
# COMPACT_ATOMS: atom_id res chain seq x y z
N PHE A 1 10.24 4.20 -11.56
CA PHE A 1 9.77 5.49 -12.14
C PHE A 1 10.60 6.62 -11.53
N GLU A 2 11.29 7.38 -12.39
CA GLU A 2 12.13 8.48 -11.92
C GLU A 2 11.43 9.83 -11.92
N ASN A 3 10.47 10.00 -11.02
CA ASN A 3 9.74 11.26 -10.92
C ASN A 3 9.95 11.90 -9.55
N GLY A 4 10.91 11.38 -8.80
CA GLY A 4 11.22 11.90 -7.48
C GLY A 4 10.19 11.53 -6.43
N LEU A 5 9.16 10.79 -6.83
CA LEU A 5 8.12 10.37 -5.92
C LEU A 5 8.26 8.90 -5.57
N GLY A 6 7.62 8.49 -4.49
CA GLY A 6 7.69 7.09 -4.08
C GLY A 6 9.09 6.58 -3.78
N ARG A 7 9.95 7.43 -3.21
CA ARG A 7 11.28 7.00 -2.88
C ARG A 7 11.17 5.92 -1.80
N THR A 8 10.07 5.96 -1.07
CA THR A 8 9.74 4.95 -0.06
C THR A 8 8.29 4.62 -0.42
N PRO A 9 7.78 3.47 0.05
CA PRO A 9 6.39 3.12 -0.28
C PRO A 9 5.41 4.20 0.15
N GLN A 10 4.35 4.40 -0.63
CA GLN A 10 3.36 5.40 -0.30
C GLN A 10 2.59 5.00 0.96
N MET A 11 2.26 6.01 1.76
CA MET A 11 1.49 5.80 2.99
C MET A 11 0.27 6.69 2.94
N GLY A 12 -0.88 6.13 3.31
CA GLY A 12 -2.09 6.93 3.27
C GLY A 12 -3.33 6.13 3.60
N TRP A 13 -4.40 6.44 2.86
CA TRP A 13 -5.70 5.82 3.06
C TRP A 13 -6.42 5.77 1.72
N ASN A 14 -7.28 4.76 1.53
CA ASN A 14 -8.06 4.64 0.30
C ASN A 14 -9.48 4.22 0.67
N SER A 15 -10.45 4.86 0.05
CA SER A 15 -11.87 4.63 0.32
C SER A 15 -12.49 3.28 -0.05
N TRP A 16 -11.81 2.50 -0.89
CA TRP A 16 -12.40 1.26 -1.35
C TRP A 16 -12.70 0.08 -0.41
N ASN A 17 -11.70 -0.39 0.31
CA ASN A 17 -11.89 -1.54 1.18
C ASN A 17 -13.07 -1.50 2.14
N HIS A 18 -13.44 -0.32 2.59
CA HIS A 18 -14.55 -0.19 3.53
C HIS A 18 -15.80 0.44 2.93
N PHE A 19 -15.62 1.48 2.12
CA PHE A 19 -16.76 2.20 1.54
C PHE A 19 -17.19 1.77 0.15
N TYR A 20 -16.32 1.07 -0.56
CA TYR A 20 -16.62 0.64 -1.92
C TYR A 20 -17.11 1.83 -2.76
N CYS A 21 -18.22 1.68 -3.46
CA CYS A 21 -18.74 2.76 -4.31
C CYS A 21 -19.53 3.80 -3.52
N GLY A 22 -19.78 3.53 -2.25
CA GLY A 22 -20.52 4.46 -1.42
C GLY A 22 -19.62 5.48 -0.75
N ILE A 23 -19.08 6.39 -1.55
CA ILE A 23 -18.18 7.42 -1.04
C ILE A 23 -18.70 8.81 -1.42
N ASN A 24 -18.35 9.80 -0.62
CA ASN A 24 -18.75 11.18 -0.88
C ASN A 24 -17.72 12.14 -0.29
N GLU A 25 -17.82 13.42 -0.63
CA GLU A 25 -16.87 14.41 -0.14
C GLU A 25 -16.84 14.63 1.38
N GLN A 26 -17.98 14.40 2.03
CA GLN A 26 -18.07 14.56 3.48
C GLN A 26 -17.16 13.53 4.13
N ILE A 27 -17.25 12.29 3.65
CA ILE A 27 -16.42 11.22 4.19
C ILE A 27 -14.94 11.52 3.97
N ILE A 28 -14.59 12.04 2.80
CA ILE A 28 -13.19 12.36 2.52
C ILE A 28 -12.67 13.48 3.44
N ARG A 29 -13.46 14.53 3.62
CA ARG A 29 -13.05 15.62 4.49
C ARG A 29 -12.86 15.13 5.92
N GLU A 30 -13.82 14.35 6.42
CA GLU A 30 -13.75 13.82 7.78
C GLU A 30 -12.58 12.87 7.95
N THR A 31 -12.27 12.11 6.90
CA THR A 31 -11.17 11.17 6.96
C THR A 31 -9.86 11.94 7.08
N ALA A 32 -9.77 13.06 6.38
CA ALA A 32 -8.58 13.91 6.45
C ALA A 32 -8.45 14.40 7.90
N ASP A 33 -9.55 14.88 8.46
CA ASP A 33 -9.55 15.37 9.83
C ASP A 33 -9.06 14.27 10.78
N ALA A 34 -9.60 13.06 10.58
CA ALA A 34 -9.25 11.92 11.41
C ALA A 34 -7.79 11.54 11.32
N LEU A 35 -7.23 11.53 10.11
CA LEU A 35 -5.83 11.17 9.96
C LEU A 35 -4.97 12.11 10.81
N VAL A 36 -5.37 13.37 10.88
CA VAL A 36 -4.63 14.34 11.67
C VAL A 36 -4.88 14.14 13.17
N ASN A 37 -6.15 14.13 13.57
CA ASN A 37 -6.51 13.99 14.98
C ASN A 37 -6.06 12.70 15.67
N THR A 38 -5.96 11.61 14.90
CA THR A 38 -5.55 10.34 15.45
C THR A 38 -4.03 10.19 15.50
N GLY A 39 -3.33 11.16 14.93
CA GLY A 39 -1.88 11.13 14.92
C GLY A 39 -1.29 10.33 13.76
N LEU A 40 -2.15 9.72 12.95
CA LEU A 40 -1.68 8.93 11.82
C LEU A 40 -0.92 9.77 10.80
N ALA A 41 -1.40 10.98 10.55
CA ALA A 41 -0.73 11.86 9.59
C ALA A 41 0.72 12.09 9.99
N LYS A 42 0.95 12.36 11.27
CA LYS A 42 2.30 12.62 11.77
C LYS A 42 3.21 11.40 11.58
N LEU A 43 2.63 10.21 11.57
CA LEU A 43 3.40 8.98 11.38
C LEU A 43 3.76 8.73 9.93
N GLY A 44 3.17 9.50 9.02
CA GLY A 44 3.47 9.34 7.61
C GLY A 44 2.31 9.09 6.66
N TYR A 45 1.14 8.76 7.19
CA TYR A 45 -0.04 8.51 6.36
C TYR A 45 -0.54 9.84 5.81
N GLN A 46 -0.03 10.21 4.63
CA GLN A 46 -0.34 11.49 3.99
C GLN A 46 -1.30 11.49 2.80
N TYR A 47 -1.38 10.38 2.08
CA TYR A 47 -2.27 10.32 0.92
C TYR A 47 -3.71 9.95 1.25
N VAL A 48 -4.62 10.89 1.00
CA VAL A 48 -6.04 10.64 1.22
C VAL A 48 -6.52 10.32 -0.20
N ASN A 49 -6.62 9.02 -0.49
CA ASN A 49 -6.99 8.60 -1.83
C ASN A 49 -8.43 8.18 -2.08
N ILE A 50 -9.06 8.86 -3.03
CA ILE A 50 -10.42 8.57 -3.43
C ILE A 50 -10.31 7.44 -4.45
N ASP A 51 -11.15 6.42 -4.32
CA ASP A 51 -11.12 5.32 -5.27
C ASP A 51 -12.25 5.50 -6.30
N ASP A 52 -12.86 4.41 -6.72
CA ASP A 52 -13.93 4.45 -7.73
C ASP A 52 -15.18 5.20 -7.26
N CYS A 53 -15.99 5.64 -8.23
CA CYS A 53 -17.27 6.29 -7.97
C CYS A 53 -17.30 7.75 -7.51
N TRP A 54 -16.33 8.55 -7.93
CA TRP A 54 -16.28 9.96 -7.53
C TRP A 54 -16.80 10.91 -8.60
N ALA A 55 -16.91 10.45 -9.84
CA ALA A 55 -17.35 11.31 -10.92
C ALA A 55 -18.73 11.04 -11.50
N GLU A 56 -19.17 11.95 -12.36
CA GLU A 56 -20.45 11.81 -13.05
C GLU A 56 -20.28 10.69 -14.06
N TYR A 57 -21.39 10.07 -14.45
CA TYR A 57 -21.37 8.99 -15.42
C TYR A 57 -20.74 9.45 -16.75
N SER A 58 -21.05 10.67 -17.15
CA SER A 58 -20.55 11.21 -18.42
C SER A 58 -19.66 12.44 -18.24
N ARG A 59 -18.81 12.68 -19.24
CA ARG A 59 -17.94 13.84 -19.24
C ARG A 59 -18.79 15.03 -19.67
N ASP A 60 -18.29 16.25 -19.46
CA ASP A 60 -19.05 17.43 -19.86
C ASP A 60 -18.85 17.71 -21.35
N SER A 61 -19.45 18.79 -21.84
CA SER A 61 -19.36 19.14 -23.25
C SER A 61 -17.93 19.42 -23.72
N GLN A 62 -17.03 19.66 -22.77
CA GLN A 62 -15.64 19.93 -23.12
C GLN A 62 -14.80 18.66 -23.05
N GLY A 63 -15.43 17.55 -22.69
CA GLY A 63 -14.74 16.28 -22.61
C GLY A 63 -13.99 16.06 -21.31
N ASN A 64 -14.31 16.85 -20.29
CA ASN A 64 -13.65 16.75 -18.99
C ASN A 64 -14.46 15.95 -17.97
N PHE A 65 -13.76 15.36 -17.01
CA PHE A 65 -14.40 14.62 -15.94
C PHE A 65 -15.23 15.64 -15.18
N VAL A 66 -16.33 15.20 -14.58
CA VAL A 66 -17.16 16.09 -13.78
C VAL A 66 -17.33 15.43 -12.41
N PRO A 67 -16.92 16.12 -11.34
CA PRO A 67 -17.08 15.52 -10.00
C PRO A 67 -18.56 15.21 -9.83
N ASN A 68 -18.88 14.04 -9.26
CA ASN A 68 -20.28 13.66 -9.07
C ASN A 68 -21.06 14.79 -8.42
N ARG A 69 -22.08 15.28 -9.10
CA ARG A 69 -22.90 16.37 -8.60
C ARG A 69 -23.68 16.04 -7.35
N GLN A 70 -23.84 14.75 -7.06
CA GLN A 70 -24.58 14.32 -5.88
C GLN A 70 -23.67 14.09 -4.67
N THR A 71 -22.60 13.33 -4.88
CA THR A 71 -21.68 13.00 -3.80
C THR A 71 -20.45 13.89 -3.65
N PHE A 72 -20.06 14.59 -4.72
CA PHE A 72 -18.91 15.50 -4.67
C PHE A 72 -19.30 16.85 -5.28
N PRO A 73 -20.42 17.44 -4.81
CA PRO A 73 -20.92 18.72 -5.30
C PRO A 73 -19.95 19.90 -5.22
N SER A 74 -19.04 19.87 -4.25
CA SER A 74 -18.09 20.96 -4.07
C SER A 74 -16.91 20.90 -5.04
N GLY A 75 -16.77 19.77 -5.72
CA GLY A 75 -15.68 19.60 -6.67
C GLY A 75 -14.41 19.04 -6.05
N ILE A 76 -13.53 18.51 -6.91
CA ILE A 76 -12.28 17.93 -6.44
C ILE A 76 -11.23 18.98 -6.05
N LYS A 77 -11.20 20.09 -6.78
CA LYS A 77 -10.25 21.15 -6.48
C LYS A 77 -10.43 21.63 -5.03
N ALA A 78 -11.68 21.88 -4.65
CA ALA A 78 -11.99 22.34 -3.31
C ALA A 78 -11.58 21.30 -2.27
N LEU A 79 -11.81 20.03 -2.60
CA LEU A 79 -11.47 18.95 -1.70
C LEU A 79 -9.95 18.83 -1.55
N ALA A 80 -9.24 19.04 -2.65
CA ALA A 80 -7.77 18.98 -2.61
C ALA A 80 -7.25 20.13 -1.75
N ASP A 81 -7.86 21.30 -1.88
CA ASP A 81 -7.44 22.45 -1.09
C ASP A 81 -7.64 22.16 0.40
N TYR A 82 -8.77 21.53 0.72
CA TYR A 82 -9.10 21.20 2.11
C TYR A 82 -8.03 20.27 2.69
N VAL A 83 -7.74 19.20 1.97
CA VAL A 83 -6.74 18.22 2.41
C VAL A 83 -5.35 18.82 2.50
N HIS A 84 -4.99 19.66 1.52
CA HIS A 84 -3.68 20.30 1.50
C HIS A 84 -3.50 21.21 2.72
N ALA A 85 -4.58 21.85 3.13
CA ALA A 85 -4.55 22.74 4.27
C ALA A 85 -4.27 21.96 5.56
N LYS A 86 -4.57 20.66 5.53
CA LYS A 86 -4.34 19.79 6.68
C LYS A 86 -2.93 19.19 6.62
N GLY A 87 -2.17 19.56 5.59
CA GLY A 87 -0.83 19.05 5.42
C GLY A 87 -0.81 17.68 4.77
N LEU A 88 -1.91 17.33 4.11
CA LEU A 88 -2.03 16.04 3.45
C LEU A 88 -2.06 16.17 1.94
N LYS A 89 -2.14 15.02 1.26
CA LYS A 89 -2.18 14.99 -0.20
C LYS A 89 -3.47 14.28 -0.63
N LEU A 90 -3.95 14.60 -1.83
CA LEU A 90 -5.18 13.98 -2.32
C LEU A 90 -4.93 13.06 -3.50
N GLY A 91 -5.53 11.88 -3.43
CA GLY A 91 -5.39 10.92 -4.51
C GLY A 91 -6.71 10.72 -5.22
N ILE A 92 -6.64 10.36 -6.50
CA ILE A 92 -7.83 10.14 -7.29
C ILE A 92 -7.72 8.83 -8.04
N TYR A 93 -8.78 8.43 -8.71
CA TYR A 93 -8.82 7.15 -9.41
C TYR A 93 -9.42 7.24 -10.81
N SER A 94 -8.80 6.51 -11.74
CA SER A 94 -9.32 6.44 -13.09
C SER A 94 -9.05 5.05 -13.62
N ASP A 95 -9.26 4.85 -14.92
CA ASP A 95 -9.13 3.54 -15.51
C ASP A 95 -8.57 3.60 -16.92
N ALA A 96 -7.69 2.64 -17.25
CA ALA A 96 -7.10 2.55 -18.58
C ALA A 96 -8.13 1.90 -19.49
N GLY A 97 -9.26 2.58 -19.66
CA GLY A 97 -10.33 2.05 -20.48
C GLY A 97 -11.45 3.07 -20.63
N SER A 98 -12.58 2.64 -21.16
CA SER A 98 -13.72 3.53 -21.39
C SER A 98 -14.51 3.87 -20.13
N GLN A 99 -14.47 2.98 -19.14
CA GLN A 99 -15.18 3.19 -17.88
C GLN A 99 -14.40 2.55 -16.75
N THR A 100 -14.65 3.00 -15.52
CA THR A 100 -13.98 2.42 -14.38
C THR A 100 -14.59 1.03 -14.14
N CYS A 101 -14.01 0.27 -13.23
CA CYS A 101 -14.50 -1.07 -12.97
C CYS A 101 -15.94 -1.17 -12.45
N SER A 102 -16.43 -0.08 -11.85
CA SER A 102 -17.80 -0.07 -11.33
C SER A 102 -18.78 0.25 -12.45
N ASN A 103 -18.27 0.74 -13.57
CA ASN A 103 -19.09 1.12 -14.71
C ASN A 103 -19.99 2.30 -14.35
N LYS A 104 -19.56 3.08 -13.34
CA LYS A 104 -20.33 4.23 -12.88
C LYS A 104 -19.75 5.56 -13.31
N MET A 105 -18.58 5.53 -13.93
CA MET A 105 -17.93 6.75 -14.40
C MET A 105 -16.96 6.42 -15.53
N PRO A 106 -16.52 7.43 -16.28
CA PRO A 106 -15.59 7.20 -17.39
C PRO A 106 -14.18 6.82 -16.98
N GLY A 107 -13.47 6.24 -17.95
CA GLY A 107 -12.08 5.88 -17.77
C GLY A 107 -11.35 6.94 -18.58
N SER A 108 -10.02 6.92 -18.58
CA SER A 108 -9.25 7.94 -19.30
C SER A 108 -8.68 7.53 -20.65
N LEU A 109 -9.04 6.37 -21.16
CA LEU A 109 -8.50 5.93 -22.44
C LEU A 109 -8.85 6.95 -23.53
N ASP A 110 -7.83 7.43 -24.22
CA ASP A 110 -7.94 8.43 -25.28
C ASP A 110 -8.24 9.84 -24.75
N HIS A 111 -8.12 10.00 -23.44
CA HIS A 111 -8.35 11.28 -22.77
C HIS A 111 -7.26 11.51 -21.74
N GLU A 112 -6.18 10.75 -21.84
CA GLU A 112 -5.09 10.81 -20.87
C GLU A 112 -4.48 12.19 -20.62
N GLU A 113 -4.08 12.87 -21.69
CA GLU A 113 -3.49 14.20 -21.53
C GLU A 113 -4.47 15.17 -20.89
N GLN A 114 -5.69 15.20 -21.41
CA GLN A 114 -6.71 16.10 -20.88
C GLN A 114 -7.02 15.79 -19.41
N ASP A 115 -7.11 14.52 -19.07
CA ASP A 115 -7.42 14.14 -17.69
C ASP A 115 -6.28 14.48 -16.74
N VAL A 116 -5.03 14.24 -17.15
CA VAL A 116 -3.91 14.57 -16.28
C VAL A 116 -3.84 16.08 -16.07
N LYS A 117 -4.09 16.85 -17.14
CA LYS A 117 -4.08 18.31 -17.01
C LYS A 117 -5.17 18.73 -16.03
N THR A 118 -6.34 18.08 -16.14
CA THR A 118 -7.44 18.38 -15.25
C THR A 118 -7.05 18.06 -13.80
N PHE A 119 -6.53 16.85 -13.58
CA PHE A 119 -6.12 16.46 -12.23
C PHE A 119 -5.10 17.42 -11.65
N ALA A 120 -4.11 17.80 -12.47
CA ALA A 120 -3.08 18.73 -12.01
C ALA A 120 -3.69 20.07 -11.64
N SER A 121 -4.64 20.54 -12.45
CA SER A 121 -5.28 21.83 -12.17
C SER A 121 -6.09 21.76 -10.88
N TRP A 122 -6.55 20.57 -10.52
CA TRP A 122 -7.32 20.38 -9.30
C TRP A 122 -6.44 20.23 -8.07
N GLY A 123 -5.14 20.00 -8.30
CA GLY A 123 -4.23 19.82 -7.20
C GLY A 123 -4.10 18.37 -6.76
N VAL A 124 -4.46 17.45 -7.65
CA VAL A 124 -4.37 16.02 -7.34
C VAL A 124 -2.89 15.63 -7.21
N ASP A 125 -2.58 14.81 -6.21
CA ASP A 125 -1.21 14.38 -5.94
C ASP A 125 -0.94 12.90 -6.19
N TYR A 126 -1.97 12.14 -6.50
CA TYR A 126 -1.80 10.70 -6.67
C TYR A 126 -2.89 10.14 -7.59
N LEU A 127 -2.52 9.19 -8.43
CA LEU A 127 -3.48 8.55 -9.34
C LEU A 127 -3.37 7.04 -9.33
N LYS A 128 -4.48 6.36 -9.08
CA LYS A 128 -4.55 4.90 -9.11
C LYS A 128 -5.23 4.67 -10.47
N TYR A 129 -4.63 3.85 -11.31
CA TYR A 129 -5.15 3.62 -12.66
C TYR A 129 -5.52 2.16 -12.91
N ASP A 130 -6.82 1.90 -12.94
CA ASP A 130 -7.37 0.55 -13.11
C ASP A 130 -7.35 -0.03 -14.53
N ASN A 131 -7.70 -1.30 -14.63
CA ASN A 131 -7.62 -2.05 -15.89
C ASN A 131 -8.91 -2.60 -16.53
N CYS A 132 -10.08 -2.08 -16.15
CA CYS A 132 -11.34 -2.56 -16.73
C CYS A 132 -11.69 -1.88 -18.05
N ASN A 133 -12.61 -2.51 -18.79
CA ASN A 133 -13.12 -1.98 -20.05
C ASN A 133 -11.98 -1.53 -20.97
N ASP A 134 -11.08 -2.46 -21.28
CA ASP A 134 -9.91 -2.18 -22.10
C ASP A 134 -10.11 -1.97 -23.60
N ALA A 135 -11.35 -2.06 -24.07
CA ALA A 135 -11.65 -1.85 -25.48
C ALA A 135 -10.80 -2.70 -26.43
N GLY A 136 -10.39 -3.87 -25.97
CA GLY A 136 -9.58 -4.75 -26.80
C GLY A 136 -8.20 -4.23 -27.14
N ARG A 137 -7.69 -3.31 -26.30
CA ARG A 137 -6.37 -2.75 -26.51
C ARG A 137 -5.41 -3.30 -25.46
N SER A 138 -4.14 -3.44 -25.82
CA SER A 138 -3.15 -4.02 -24.93
C SER A 138 -2.86 -3.26 -23.64
N VAL A 139 -2.41 -4.01 -22.64
CA VAL A 139 -2.05 -3.43 -21.36
C VAL A 139 -0.94 -2.41 -21.59
N MET A 140 0.06 -2.78 -22.37
CA MET A 140 1.17 -1.86 -22.59
C MET A 140 0.76 -0.59 -23.33
N GLU A 141 -0.12 -0.70 -24.33
CA GLU A 141 -0.54 0.51 -25.04
C GLU A 141 -1.32 1.43 -24.12
N ARG A 142 -2.33 0.89 -23.45
CA ARG A 142 -3.16 1.68 -22.56
C ARG A 142 -2.37 2.33 -21.44
N TYR A 143 -1.48 1.58 -20.79
CA TYR A 143 -0.70 2.18 -19.72
C TYR A 143 0.40 3.10 -20.22
N THR A 144 0.95 2.82 -21.39
CA THR A 144 2.00 3.69 -21.95
C THR A 144 1.40 5.07 -22.22
N ARG A 145 0.17 5.11 -22.72
CA ARG A 145 -0.48 6.37 -23.01
C ARG A 145 -0.59 7.24 -21.76
N MET A 146 -1.00 6.64 -20.65
CA MET A 146 -1.13 7.42 -19.42
C MET A 146 0.24 7.76 -18.83
N SER A 147 1.21 6.86 -18.97
CA SER A 147 2.55 7.13 -18.45
C SER A 147 3.11 8.38 -19.13
N ASN A 148 2.94 8.45 -20.45
CA ASN A 148 3.43 9.60 -21.20
C ASN A 148 2.74 10.89 -20.76
N ALA A 149 1.42 10.82 -20.59
CA ALA A 149 0.67 11.99 -20.16
C ALA A 149 1.13 12.46 -18.78
N MET A 150 1.37 11.51 -17.89
CA MET A 150 1.81 11.82 -16.52
C MET A 150 3.18 12.46 -16.48
N LYS A 151 4.13 11.92 -17.26
CA LYS A 151 5.49 12.44 -17.27
C LYS A 151 5.57 13.84 -17.87
N THR A 152 4.56 14.23 -18.63
CA THR A 152 4.54 15.55 -19.26
C THR A 152 3.65 16.55 -18.55
N TYR A 153 2.46 16.12 -18.13
CA TYR A 153 1.51 17.01 -17.48
C TYR A 153 1.23 16.76 -16.01
N GLY A 154 1.75 15.67 -15.46
CA GLY A 154 1.52 15.37 -14.05
C GLY A 154 2.77 14.97 -13.32
N LYS A 155 3.82 15.77 -13.46
CA LYS A 155 5.10 15.47 -12.84
C LYS A 155 5.08 15.32 -11.32
N ASN A 156 4.09 15.91 -10.67
CA ASN A 156 4.00 15.82 -9.20
C ASN A 156 2.90 14.87 -8.76
N ILE A 157 2.48 14.00 -9.66
CA ILE A 157 1.43 13.04 -9.34
C ILE A 157 1.97 11.61 -9.26
N PHE A 158 1.83 11.00 -8.09
CA PHE A 158 2.29 9.63 -7.87
C PHE A 158 1.45 8.76 -8.79
N PHE A 159 2.11 7.84 -9.50
CA PHE A 159 1.41 6.97 -10.44
C PHE A 159 1.34 5.52 -9.97
N SER A 160 0.15 5.11 -9.55
CA SER A 160 -0.12 3.76 -9.08
C SER A 160 -0.85 2.96 -10.16
N LEU A 161 -0.21 1.90 -10.65
CA LEU A 161 -0.83 1.05 -11.67
C LEU A 161 -1.65 -0.03 -10.99
N CYS A 162 -2.82 -0.30 -11.54
CA CYS A 162 -3.70 -1.33 -10.99
C CYS A 162 -4.22 -2.23 -12.10
N GLU A 163 -3.41 -3.20 -12.50
CA GLU A 163 -3.84 -4.13 -13.54
C GLU A 163 -3.71 -5.58 -13.08
N TRP A 164 -3.87 -5.74 -11.77
CA TRP A 164 -3.93 -7.02 -11.09
C TRP A 164 -2.85 -8.08 -11.34
N GLY A 165 -1.63 -7.64 -11.64
CA GLY A 165 -0.56 -8.58 -11.87
C GLY A 165 -0.54 -9.20 -13.26
N LYS A 166 -1.45 -8.74 -14.13
CA LYS A 166 -1.48 -9.28 -15.47
C LYS A 166 -0.17 -8.98 -16.21
N GLU A 167 0.38 -10.00 -16.85
CA GLU A 167 1.62 -9.86 -17.60
C GLU A 167 2.86 -9.52 -16.76
N ASN A 168 2.85 -9.93 -15.49
CA ASN A 168 3.99 -9.73 -14.60
C ASN A 168 4.53 -8.30 -14.56
N PRO A 169 3.74 -7.36 -14.05
CA PRO A 169 4.15 -5.94 -13.96
C PRO A 169 5.47 -5.65 -13.26
N ALA A 170 5.88 -6.51 -12.33
CA ALA A 170 7.13 -6.26 -11.62
C ALA A 170 8.31 -6.17 -12.59
N THR A 171 8.18 -6.83 -13.74
CA THR A 171 9.25 -6.83 -14.73
C THR A 171 9.27 -5.66 -15.70
N TRP A 172 8.27 -4.77 -15.62
CA TRP A 172 8.22 -3.64 -16.55
C TRP A 172 7.55 -2.36 -16.04
N ALA A 173 6.61 -2.48 -15.11
CA ALA A 173 5.88 -1.32 -14.62
C ALA A 173 6.73 -0.22 -14.00
N GLY A 174 7.91 -0.57 -13.51
CA GLY A 174 8.79 0.42 -12.90
C GLY A 174 9.25 1.48 -13.89
N ARG A 175 9.17 1.18 -15.17
CA ARG A 175 9.55 2.14 -16.20
C ARG A 175 8.34 2.97 -16.58
N MET A 176 7.20 2.66 -15.99
CA MET A 176 5.96 3.34 -16.29
C MET A 176 5.29 4.03 -15.10
N GLY A 177 5.56 3.55 -13.89
CA GLY A 177 4.95 4.14 -12.71
C GLY A 177 5.68 3.91 -11.41
N ASN A 178 5.07 4.36 -10.31
CA ASN A 178 5.68 4.25 -8.98
C ASN A 178 5.35 2.99 -8.21
N SER A 179 4.23 2.33 -8.55
CA SER A 179 3.87 1.08 -7.89
C SER A 179 2.90 0.34 -8.80
N TRP A 180 2.80 -0.97 -8.61
CA TRP A 180 1.92 -1.78 -9.44
C TRP A 180 1.30 -2.94 -8.67
N ARG A 181 -0.01 -3.09 -8.80
CA ARG A 181 -0.71 -4.18 -8.15
C ARG A 181 -0.17 -5.48 -8.76
N THR A 182 0.21 -6.42 -7.90
CA THR A 182 0.77 -7.69 -8.34
C THR A 182 -0.24 -8.84 -8.29
N THR A 183 -1.41 -8.58 -7.74
CA THR A 183 -2.43 -9.62 -7.59
C THR A 183 -3.84 -9.12 -7.77
N GLY A 184 -4.79 -10.06 -7.72
CA GLY A 184 -6.19 -9.71 -7.80
C GLY A 184 -6.53 -9.04 -6.48
N ASP A 185 -7.73 -8.47 -6.40
CA ASP A 185 -8.17 -7.76 -5.20
C ASP A 185 -8.09 -8.51 -3.88
N ILE A 186 -7.65 -7.79 -2.84
CA ILE A 186 -7.57 -8.37 -1.51
C ILE A 186 -8.99 -8.27 -0.94
N ALA A 187 -9.32 -9.20 -0.04
CA ALA A 187 -10.62 -9.22 0.63
C ALA A 187 -10.31 -9.29 2.11
N ASP A 188 -11.25 -8.89 2.95
CA ASP A 188 -11.04 -8.89 4.39
C ASP A 188 -11.16 -10.25 5.06
N ASN A 189 -10.28 -11.18 4.69
CA ASN A 189 -10.27 -12.50 5.28
C ASN A 189 -8.87 -13.10 5.18
N TRP A 190 -8.58 -14.02 6.10
CA TRP A 190 -7.28 -14.68 6.20
C TRP A 190 -6.75 -15.32 4.92
N GLY A 191 -7.60 -16.08 4.24
CA GLY A 191 -7.18 -16.74 3.01
C GLY A 191 -6.74 -15.76 1.93
N SER A 192 -7.45 -14.66 1.80
CA SER A 192 -7.13 -13.66 0.80
C SER A 192 -5.83 -12.93 1.15
N MET A 193 -5.74 -12.45 2.39
CA MET A 193 -4.56 -11.73 2.83
C MET A 193 -3.28 -12.56 2.70
N THR A 194 -3.32 -13.80 3.17
CA THR A 194 -2.14 -14.65 3.09
C THR A 194 -1.74 -14.97 1.64
N SER A 195 -2.72 -15.23 0.78
CA SER A 195 -2.40 -15.55 -0.61
C SER A 195 -1.85 -14.34 -1.34
N ARG A 196 -2.31 -13.14 -0.99
CA ARG A 196 -1.80 -11.93 -1.63
C ARG A 196 -0.33 -11.78 -1.24
N ALA A 197 -0.03 -12.04 0.02
CA ALA A 197 1.34 -11.94 0.52
C ALA A 197 2.24 -12.92 -0.21
N ASP A 198 1.79 -14.17 -0.34
CA ASP A 198 2.57 -15.20 -1.02
C ASP A 198 2.83 -14.88 -2.49
N GLU A 199 1.79 -14.45 -3.19
CA GLU A 199 1.92 -14.14 -4.61
C GLU A 199 2.83 -12.94 -4.85
N ASN A 200 2.69 -11.92 -4.01
CA ASN A 200 3.48 -10.71 -4.10
C ASN A 200 4.96 -11.00 -3.81
N ASP A 201 5.19 -11.95 -2.90
CA ASP A 201 6.54 -12.33 -2.48
C ASP A 201 7.50 -12.75 -3.59
N GLN A 202 6.99 -13.39 -4.63
CA GLN A 202 7.85 -13.86 -5.72
C GLN A 202 8.51 -12.74 -6.51
N TRP A 203 8.03 -11.51 -6.35
CA TRP A 203 8.58 -10.38 -7.10
C TRP A 203 9.48 -9.46 -6.29
N ALA A 204 9.85 -9.90 -5.08
CA ALA A 204 10.68 -9.09 -4.19
C ALA A 204 11.92 -8.44 -4.82
N ALA A 205 12.61 -9.18 -5.69
CA ALA A 205 13.83 -8.65 -6.30
C ALA A 205 13.68 -7.42 -7.17
N TYR A 206 12.46 -7.18 -7.67
CA TYR A 206 12.19 -6.05 -8.55
C TYR A 206 11.85 -4.74 -7.85
N ALA A 207 11.55 -4.81 -6.56
CA ALA A 207 11.18 -3.62 -5.81
C ALA A 207 12.34 -2.76 -5.37
N GLY A 208 12.10 -1.45 -5.29
CA GLY A 208 13.14 -0.52 -4.87
C GLY A 208 12.66 0.90 -4.94
N PRO A 209 13.47 1.87 -4.47
CA PRO A 209 13.06 3.27 -4.51
C PRO A 209 12.50 3.66 -5.88
N GLY A 210 11.30 4.23 -5.88
CA GLY A 210 10.67 4.65 -7.12
C GLY A 210 9.75 3.63 -7.78
N GLY A 211 9.80 2.38 -7.33
CA GLY A 211 8.95 1.35 -7.92
C GLY A 211 8.67 0.21 -6.97
N TRP A 212 7.44 0.14 -6.46
CA TRP A 212 7.06 -0.89 -5.50
C TRP A 212 6.03 -1.91 -5.94
N ASN A 213 6.17 -3.12 -5.40
CA ASN A 213 5.19 -4.17 -5.64
C ASN A 213 4.04 -3.81 -4.72
N ASP A 214 2.81 -3.89 -5.22
CA ASP A 214 1.64 -3.52 -4.44
C ASP A 214 0.70 -4.71 -4.20
N PRO A 215 0.78 -5.34 -3.00
CA PRO A 215 -0.08 -6.48 -2.66
C PRO A 215 -1.48 -6.08 -2.20
N ASP A 216 -1.83 -4.83 -2.51
CA ASP A 216 -3.14 -4.21 -2.23
C ASP A 216 -3.32 -3.52 -0.89
N MET A 217 -4.45 -2.80 -0.78
CA MET A 217 -4.81 -2.01 0.38
C MET A 217 -5.04 -2.79 1.66
N LEU A 218 -4.57 -2.20 2.77
CA LEU A 218 -4.70 -2.83 4.09
C LEU A 218 -6.14 -3.05 4.50
N GLU A 219 -6.41 -4.20 5.09
CA GLU A 219 -7.76 -4.53 5.56
C GLU A 219 -7.88 -4.39 7.07
N VAL A 220 -6.76 -4.03 7.72
CA VAL A 220 -6.74 -3.84 9.16
C VAL A 220 -7.90 -2.95 9.63
N GLY A 221 -8.67 -3.44 10.58
CA GLY A 221 -9.78 -2.66 11.12
C GLY A 221 -11.14 -2.83 10.46
N ASN A 222 -11.25 -3.67 9.46
CA ASN A 222 -12.55 -3.84 8.81
C ASN A 222 -13.43 -4.95 9.39
N GLY A 223 -12.91 -5.67 10.37
CA GLY A 223 -13.68 -6.71 11.05
C GLY A 223 -13.69 -8.15 10.56
N GLY A 224 -13.14 -8.40 9.37
CA GLY A 224 -13.14 -9.74 8.82
C GLY A 224 -12.04 -10.67 9.33
N MET A 225 -11.06 -10.10 10.03
CA MET A 225 -9.96 -10.89 10.56
C MET A 225 -9.75 -10.56 12.04
N SER A 226 -8.98 -11.40 12.73
CA SER A 226 -8.71 -11.19 14.14
C SER A 226 -7.56 -10.21 14.34
N GLU A 227 -7.37 -9.76 15.57
CA GLU A 227 -6.28 -8.83 15.87
C GLU A 227 -4.94 -9.45 15.49
N ALA A 228 -4.77 -10.74 15.80
CA ALA A 228 -3.52 -11.43 15.48
C ALA A 228 -3.28 -11.45 13.98
N GLU A 229 -4.33 -11.76 13.22
CA GLU A 229 -4.22 -11.81 11.77
C GLU A 229 -3.90 -10.44 11.20
N TYR A 230 -4.47 -9.39 11.77
CA TYR A 230 -4.20 -8.03 11.30
C TYR A 230 -2.79 -7.60 11.66
N ARG A 231 -2.29 -8.04 12.82
CA ARG A 231 -0.94 -7.68 13.23
C ARG A 231 0.04 -8.30 12.24
N SER A 232 -0.21 -9.55 11.85
CA SER A 232 0.66 -10.23 10.89
C SER A 232 0.55 -9.54 9.53
N HIS A 233 -0.67 -9.18 9.15
CA HIS A 233 -0.97 -8.51 7.89
C HIS A 233 -0.17 -7.22 7.80
N PHE A 234 -0.24 -6.40 8.83
CA PHE A 234 0.48 -5.13 8.83
C PHE A 234 1.99 -5.33 8.85
N SER A 235 2.47 -6.27 9.67
CA SER A 235 3.89 -6.55 9.78
C SER A 235 4.50 -7.01 8.46
N ILE A 236 3.82 -7.93 7.79
CA ILE A 236 4.29 -8.47 6.52
C ILE A 236 4.24 -7.41 5.42
N TRP A 237 3.16 -6.62 5.37
CA TRP A 237 3.08 -5.57 4.36
C TRP A 237 4.22 -4.58 4.58
N ALA A 238 4.50 -4.27 5.83
CA ALA A 238 5.58 -3.34 6.15
C ALA A 238 6.92 -3.90 5.70
N LEU A 239 7.20 -5.14 6.08
CA LEU A 239 8.45 -5.80 5.72
C LEU A 239 8.63 -5.93 4.22
N ALA A 240 7.54 -6.17 3.50
CA ALA A 240 7.58 -6.34 2.05
C ALA A 240 7.63 -5.04 1.26
N LYS A 241 7.80 -3.91 1.95
CA LYS A 241 7.85 -2.61 1.28
C LYS A 241 6.59 -2.42 0.43
N ALA A 242 5.46 -2.82 0.96
CA ALA A 242 4.20 -2.67 0.26
C ALA A 242 3.66 -1.29 0.57
N PRO A 243 2.80 -0.76 -0.31
CA PRO A 243 2.25 0.56 0.00
C PRO A 243 1.48 0.34 1.29
N LEU A 244 1.43 1.34 2.17
CA LEU A 244 0.66 1.20 3.40
C LEU A 244 -0.55 2.12 3.28
N LEU A 245 -1.56 1.67 2.56
CA LEU A 245 -2.77 2.45 2.38
C LEU A 245 -3.84 1.85 3.29
N ILE A 246 -4.19 2.60 4.33
CA ILE A 246 -5.21 2.17 5.28
C ILE A 246 -6.53 2.01 4.54
N GLY A 247 -7.27 0.94 4.86
CA GLY A 247 -8.52 0.68 4.19
C GLY A 247 -9.74 0.61 5.10
N CYS A 248 -9.55 0.93 6.37
CA CYS A 248 -10.68 0.93 7.30
C CYS A 248 -11.16 2.37 7.47
N ASP A 249 -12.25 2.53 8.22
CA ASP A 249 -12.79 3.86 8.48
C ASP A 249 -11.99 4.41 9.66
N VAL A 250 -11.02 5.26 9.39
CA VAL A 250 -10.18 5.83 10.44
C VAL A 250 -10.89 6.78 11.39
N ARG A 251 -12.16 7.08 11.09
CA ARG A 251 -12.94 7.98 11.93
C ARG A 251 -13.51 7.27 13.15
N SER A 252 -13.59 5.94 13.08
CA SER A 252 -14.15 5.16 14.18
C SER A 252 -13.36 3.91 14.53
N MET A 253 -12.03 4.04 14.56
CA MET A 253 -11.17 2.91 14.88
C MET A 253 -11.23 2.51 16.34
N SER A 254 -11.01 1.23 16.60
CA SER A 254 -10.96 0.70 17.95
C SER A 254 -9.52 1.00 18.38
N GLN A 255 -9.23 0.88 19.66
CA GLN A 255 -7.87 1.16 20.11
C GLN A 255 -6.91 0.11 19.53
N GLN A 256 -7.39 -1.12 19.39
CA GLN A 256 -6.57 -2.19 18.83
C GLN A 256 -6.16 -1.88 17.41
N THR A 257 -7.11 -1.39 16.62
CA THR A 257 -6.83 -1.03 15.23
C THR A 257 -5.82 0.10 15.17
N LYS A 258 -6.04 1.13 15.98
CA LYS A 258 -5.13 2.26 16.01
C LYS A 258 -3.72 1.83 16.41
N ASN A 259 -3.63 0.95 17.40
CA ASN A 259 -2.33 0.46 17.87
C ASN A 259 -1.53 -0.24 16.79
N ILE A 260 -2.20 -1.04 15.97
CA ILE A 260 -1.51 -1.76 14.89
C ILE A 260 -0.99 -0.79 13.84
N LEU A 261 -1.87 0.08 13.36
CA LEU A 261 -1.51 1.04 12.32
C LEU A 261 -0.54 2.13 12.78
N SER A 262 -0.49 2.38 14.09
CA SER A 262 0.37 3.43 14.64
C SER A 262 1.74 3.02 15.12
N ASN A 263 2.16 1.79 14.86
CA ASN A 263 3.48 1.35 15.32
C ASN A 263 4.58 1.95 14.44
N SER A 264 5.19 3.03 14.93
CA SER A 264 6.25 3.73 14.20
C SER A 264 7.49 2.90 13.91
N GLU A 265 7.77 1.91 14.76
CA GLU A 265 8.94 1.07 14.54
C GLU A 265 8.70 0.15 13.35
N VAL A 266 7.47 -0.33 13.20
CA VAL A 266 7.11 -1.19 12.08
C VAL A 266 7.10 -0.34 10.81
N ILE A 267 6.54 0.87 10.92
CA ILE A 267 6.48 1.79 9.78
C ILE A 267 7.90 2.10 9.28
N ALA A 268 8.83 2.27 10.22
CA ALA A 268 10.21 2.59 9.88
C ALA A 268 10.84 1.48 9.03
N VAL A 269 10.42 0.25 9.24
CA VAL A 269 10.94 -0.86 8.44
C VAL A 269 10.46 -0.67 6.99
N ASN A 270 9.17 -0.37 6.84
CA ASN A 270 8.58 -0.16 5.52
C ASN A 270 9.22 1.02 4.81
N GLN A 271 9.53 2.07 5.58
CA GLN A 271 10.12 3.30 5.05
C GLN A 271 11.64 3.33 5.08
N ASP A 272 12.27 2.19 5.32
CA ASP A 272 13.73 2.11 5.40
C ASP A 272 14.43 2.69 4.16
N SER A 273 15.49 3.46 4.39
CA SER A 273 16.23 4.08 3.29
C SER A 273 16.85 3.13 2.27
N LEU A 274 17.12 1.89 2.67
CA LEU A 274 17.72 0.95 1.73
C LEU A 274 16.68 0.52 0.69
N GLY A 275 15.41 0.58 1.07
CA GLY A 275 14.33 0.24 0.16
C GLY A 275 14.33 -1.15 -0.47
N VAL A 276 14.66 -2.17 0.32
CA VAL A 276 14.68 -3.53 -0.17
C VAL A 276 13.45 -4.28 0.36
N GLN A 277 12.76 -4.98 -0.52
CA GLN A 277 11.58 -5.74 -0.11
C GLN A 277 11.98 -7.02 0.62
N GLY A 278 11.50 -7.16 1.86
CA GLY A 278 11.79 -8.35 2.63
C GLY A 278 11.00 -9.50 2.01
N LYS A 279 11.48 -10.72 2.18
CA LYS A 279 10.82 -11.87 1.57
C LYS A 279 10.82 -13.12 2.46
N LYS A 280 10.04 -14.11 2.05
CA LYS A 280 9.96 -15.36 2.79
C LYS A 280 11.30 -16.09 2.63
N VAL A 281 11.88 -16.50 3.76
CA VAL A 281 13.16 -17.20 3.73
C VAL A 281 13.12 -18.58 4.40
N GLN A 282 12.05 -18.83 5.15
CA GLN A 282 11.85 -20.12 5.82
C GLN A 282 10.37 -20.45 5.83
N SER A 283 10.02 -21.70 5.54
CA SER A 283 8.63 -22.13 5.56
C SER A 283 8.59 -23.61 5.90
N ASP A 284 8.27 -23.91 7.15
CA ASP A 284 8.22 -25.28 7.62
C ASP A 284 6.87 -25.60 8.24
N ASN A 285 6.05 -26.36 7.51
CA ASN A 285 4.73 -26.75 7.99
C ASN A 285 3.91 -25.58 8.54
N GLY A 286 3.86 -24.50 7.77
CA GLY A 286 3.08 -23.33 8.19
C GLY A 286 3.79 -22.34 9.09
N LEU A 287 4.97 -22.70 9.58
CA LEU A 287 5.74 -21.81 10.45
C LEU A 287 6.76 -21.13 9.55
N GLU A 288 6.58 -19.84 9.32
CA GLU A 288 7.47 -19.12 8.42
C GLU A 288 8.33 -18.03 9.03
N VAL A 289 9.38 -17.69 8.31
CA VAL A 289 10.28 -16.63 8.69
C VAL A 289 10.46 -15.77 7.44
N TRP A 290 10.25 -14.48 7.57
CA TRP A 290 10.41 -13.55 6.46
C TRP A 290 11.50 -12.59 6.89
N ALA A 291 12.36 -12.18 5.97
CA ALA A 291 13.44 -11.27 6.34
C ALA A 291 13.99 -10.46 5.17
N GLY A 292 14.67 -9.38 5.51
CA GLY A 292 15.26 -8.53 4.50
C GLY A 292 16.24 -7.55 5.11
N PRO A 293 17.16 -6.99 4.31
CA PRO A 293 18.15 -6.04 4.82
C PRO A 293 17.57 -4.65 5.01
N LEU A 294 18.15 -3.92 5.96
CA LEU A 294 17.76 -2.55 6.26
C LEU A 294 19.03 -1.71 6.21
N SER A 295 18.90 -0.42 6.44
CA SER A 295 20.05 0.47 6.43
C SER A 295 21.01 0.13 7.55
N ASN A 296 22.25 0.60 7.42
CA ASN A 296 23.27 0.40 8.42
C ASN A 296 23.51 -1.07 8.82
N ASN A 297 23.49 -1.96 7.84
CA ASN A 297 23.74 -3.39 8.07
C ASN A 297 22.73 -4.09 8.97
N ARG A 298 21.55 -3.50 9.16
CA ARG A 298 20.54 -4.11 10.01
C ARG A 298 19.65 -5.07 9.23
N LYS A 299 18.87 -5.86 9.94
CA LYS A 299 17.96 -6.81 9.31
C LYS A 299 16.57 -6.71 9.93
N ALA A 300 15.55 -6.96 9.11
CA ALA A 300 14.17 -6.95 9.57
C ALA A 300 13.76 -8.41 9.50
N VAL A 301 13.08 -8.89 10.55
CA VAL A 301 12.66 -10.29 10.59
C VAL A 301 11.24 -10.47 11.13
N VAL A 302 10.46 -11.32 10.48
CA VAL A 302 9.11 -11.62 10.95
C VAL A 302 8.95 -13.12 11.09
N LEU A 303 8.49 -13.55 12.26
CA LEU A 303 8.22 -14.96 12.52
C LEU A 303 6.71 -15.01 12.39
N TRP A 304 6.20 -15.78 11.43
CA TRP A 304 4.76 -15.84 11.21
C TRP A 304 4.19 -17.24 11.37
N ASN A 305 3.32 -17.39 12.36
CA ASN A 305 2.68 -18.68 12.62
C ASN A 305 1.38 -18.75 11.84
N ARG A 306 1.40 -19.48 10.73
CA ARG A 306 0.19 -19.59 9.92
C ARG A 306 -0.61 -20.84 10.26
N GLN A 307 -0.28 -21.45 11.39
CA GLN A 307 -0.98 -22.63 11.87
C GLN A 307 -2.08 -22.22 12.86
N SER A 308 -2.94 -23.15 13.21
CA SER A 308 -4.04 -22.89 14.13
C SER A 308 -3.69 -23.16 15.59
N TYR A 309 -2.43 -23.48 15.85
CA TYR A 309 -1.98 -23.77 17.21
C TYR A 309 -0.70 -23.03 17.57
N GLN A 310 -0.51 -22.80 18.86
CA GLN A 310 0.66 -22.12 19.38
C GLN A 310 1.87 -22.94 18.91
N ALA A 311 2.92 -22.27 18.46
CA ALA A 311 4.09 -22.99 17.99
C ALA A 311 5.36 -22.15 18.11
N THR A 312 6.48 -22.84 18.28
CA THR A 312 7.77 -22.16 18.40
C THR A 312 8.37 -22.04 17.01
N ILE A 313 8.81 -20.83 16.67
CA ILE A 313 9.42 -20.57 15.37
C ILE A 313 10.84 -20.06 15.62
N THR A 314 11.79 -20.55 14.83
CA THR A 314 13.18 -20.15 15.00
C THR A 314 13.76 -19.55 13.73
N ALA A 315 14.23 -18.32 13.83
CA ALA A 315 14.85 -17.63 12.70
C ALA A 315 16.35 -17.86 12.81
N HIS A 316 16.91 -18.52 11.80
CA HIS A 316 18.34 -18.83 11.77
C HIS A 316 19.12 -17.73 11.04
N TRP A 317 20.25 -17.34 11.63
CA TRP A 317 21.09 -16.31 11.04
C TRP A 317 21.40 -16.58 9.57
N SER A 318 21.76 -17.82 9.25
CA SER A 318 22.10 -18.20 7.88
C SER A 318 20.99 -17.93 6.86
N ASN A 319 19.74 -17.93 7.32
CA ASN A 319 18.62 -17.69 6.43
C ASN A 319 18.23 -16.21 6.36
N ILE A 320 18.65 -15.43 7.34
CA ILE A 320 18.31 -14.01 7.34
C ILE A 320 19.45 -13.07 6.95
N GLY A 321 20.52 -13.63 6.38
CA GLY A 321 21.63 -12.82 5.92
C GLY A 321 22.72 -12.44 6.90
N LEU A 322 22.90 -13.21 7.97
CA LEU A 322 23.93 -12.90 8.95
C LEU A 322 24.87 -14.08 9.16
N ALA A 323 26.15 -13.78 9.34
CA ALA A 323 27.12 -14.83 9.59
C ALA A 323 26.84 -15.30 11.02
N GLY A 324 27.03 -16.59 11.27
CA GLY A 324 26.77 -17.14 12.59
C GLY A 324 27.48 -16.46 13.74
N SER A 325 28.62 -15.84 13.45
CA SER A 325 29.41 -15.17 14.48
C SER A 325 29.03 -13.71 14.69
N VAL A 326 27.82 -13.34 14.27
CA VAL A 326 27.39 -11.96 14.41
C VAL A 326 26.43 -11.75 15.59
N ALA A 327 26.90 -11.04 16.60
CA ALA A 327 26.10 -10.74 17.77
C ALA A 327 25.34 -9.47 17.45
N VAL A 328 24.08 -9.41 17.86
CA VAL A 328 23.25 -8.24 17.59
C VAL A 328 22.37 -7.88 18.76
N THR A 329 21.71 -6.73 18.64
CA THR A 329 20.75 -6.31 19.64
C THR A 329 19.46 -6.48 18.87
N ALA A 330 18.56 -7.32 19.39
CA ALA A 330 17.29 -7.58 18.74
C ALA A 330 16.23 -6.68 19.35
N ARG A 331 15.44 -6.06 18.49
CA ARG A 331 14.37 -5.17 18.93
C ARG A 331 13.02 -5.77 18.56
N ASP A 332 12.25 -6.16 19.57
CA ASP A 332 10.91 -6.72 19.35
C ASP A 332 10.05 -5.49 19.08
N LEU A 333 9.58 -5.34 17.85
CA LEU A 333 8.79 -4.17 17.48
C LEU A 333 7.41 -4.04 18.10
N TRP A 334 6.76 -5.16 18.41
CA TRP A 334 5.44 -5.10 19.01
C TRP A 334 5.48 -5.04 20.53
N ALA A 335 6.51 -5.65 21.11
CA ALA A 335 6.67 -5.62 22.56
C ALA A 335 7.43 -4.35 22.95
N HIS A 336 8.12 -3.76 21.96
CA HIS A 336 8.90 -2.55 22.18
C HIS A 336 9.94 -2.79 23.26
N SER A 337 10.73 -3.85 23.07
CA SER A 337 11.76 -4.23 24.02
C SER A 337 13.00 -4.70 23.26
N SER A 338 14.17 -4.53 23.86
CA SER A 338 15.43 -4.92 23.24
C SER A 338 16.16 -5.99 24.04
N PHE A 339 16.84 -6.89 23.34
CA PHE A 339 17.60 -7.96 23.97
C PHE A 339 18.74 -8.44 23.08
N ALA A 340 19.72 -9.10 23.70
CA ALA A 340 20.87 -9.61 22.96
C ALA A 340 20.53 -10.92 22.24
N ALA A 341 21.09 -11.09 21.04
CA ALA A 341 20.86 -12.29 20.27
C ALA A 341 22.03 -12.62 19.35
N GLN A 342 22.16 -13.90 19.04
CA GLN A 342 23.22 -14.37 18.16
C GLN A 342 22.91 -15.79 17.69
N GLY A 343 23.19 -16.08 16.42
CA GLY A 343 22.95 -17.40 15.88
C GLY A 343 21.52 -17.63 15.44
N GLN A 344 20.57 -17.33 16.32
CA GLN A 344 19.16 -17.52 16.02
C GLN A 344 18.28 -16.91 17.08
N ILE A 345 17.00 -16.77 16.75
CA ILE A 345 16.01 -16.24 17.69
C ILE A 345 14.82 -17.18 17.63
N SER A 346 14.45 -17.72 18.79
CA SER A 346 13.32 -18.62 18.90
C SER A 346 12.27 -17.95 19.75
N ALA A 347 11.00 -18.14 19.40
CA ALA A 347 9.92 -17.55 20.16
C ALA A 347 8.64 -18.33 19.96
N SER A 348 7.80 -18.34 21.00
CA SER A 348 6.52 -19.02 20.94
C SER A 348 5.57 -18.02 20.28
N VAL A 349 4.98 -18.40 19.16
CA VAL A 349 4.09 -17.51 18.42
C VAL A 349 2.66 -18.02 18.43
N ALA A 350 1.71 -17.11 18.70
CA ALA A 350 0.30 -17.46 18.75
C ALA A 350 -0.25 -17.76 17.37
N PRO A 351 -1.34 -18.53 17.30
CA PRO A 351 -1.99 -18.91 16.03
C PRO A 351 -2.30 -17.70 15.15
N HIS A 352 -1.80 -17.74 13.92
CA HIS A 352 -1.99 -16.67 12.92
C HIS A 352 -1.35 -15.35 13.30
N ASP A 353 -0.63 -15.35 14.42
CA ASP A 353 0.04 -14.14 14.90
C ASP A 353 1.49 -14.13 14.43
N CYS A 354 2.24 -13.14 14.88
CA CYS A 354 3.64 -13.02 14.48
C CYS A 354 4.48 -12.33 15.53
N LYS A 355 5.79 -12.33 15.26
CA LYS A 355 6.78 -11.66 16.08
C LYS A 355 7.57 -10.89 15.02
N MET A 356 7.92 -9.64 15.32
CA MET A 356 8.68 -8.87 14.36
C MET A 356 9.87 -8.22 15.06
N TYR A 357 11.05 -8.34 14.45
CA TYR A 357 12.25 -7.79 15.03
C TYR A 357 13.11 -7.04 14.03
N VAL A 358 13.93 -6.15 14.56
CA VAL A 358 14.91 -5.43 13.77
C VAL A 358 16.20 -5.81 14.49
N LEU A 359 17.16 -6.32 13.74
CA LEU A 359 18.43 -6.74 14.32
C LEU A 359 19.51 -5.72 13.99
N THR A 360 20.16 -5.21 15.02
CA THR A 360 21.21 -4.21 14.86
C THR A 360 22.53 -4.82 15.32
N PRO A 361 23.43 -5.11 14.38
CA PRO A 361 24.74 -5.71 14.70
C PRO A 361 25.57 -4.92 15.70
N ASN A 362 26.24 -5.63 16.61
CA ASN A 362 27.08 -4.97 17.60
C ASN A 362 28.34 -4.49 16.89
#